data_5TW5
#
_entry.id   5TW5
#
_cell.length_a   42.172
_cell.length_b   106.231
_cell.length_c   106.892
_cell.angle_alpha   90.000
_cell.angle_beta   90.000
_cell.angle_gamma   90.000
#
_symmetry.space_group_name_H-M   'P 21 21 21'
#
loop_
_entity.id
_entity.type
_entity.pdbx_description
1 polymer 'Antigen-presenting glycoprotein CD1d1'
2 polymer Beta-2-microglobulin
3 branched 2-acetamido-2-deoxy-beta-D-glucopyranose-(1-4)-2-acetamido-2-deoxy-beta-D-glucopyranose
4 non-polymer 'PALMITIC ACID'
5 non-polymer 2-acetamido-2-deoxy-beta-D-glucopyranose
6 non-polymer N-[(2S,3S,4R)-1-(alpha-D-galactopyranosyloxy)-3,4-dihydroxy-16-phenylhexadecan-2-yl]octanamide
7 water water
#
loop_
_entity_poly.entity_id
_entity_poly.type
_entity_poly.pdbx_seq_one_letter_code
_entity_poly.pdbx_strand_id
1 'polypeptide(L)'
;SEAQQKNYTFRCLQMSSFANRSWSRTDSVVWLGDLQTHRWSNDSATISFTKPWSQGKLSNQQWEKLQHMFQVYRVSFTRD
IQELVKMMSPKEDYPIEIQLSAGCEMYPGNASESFLHVAFQGKYVVRFWGTSWQTVPGAPSWLDLPIKVLNADQGTSATV
QMLLNDTCPLFVRGLLEAGKSDLEKQEKPVAWLSSVPSSAHGHRQLVCHVSGFYPKPVWVMWMRGDQEQQGTHRGDFLPN
ADETWYLQATLDVEAGEEAGLACRVKHSSLGGQDIILYWHHHHHH
;
A
2 'polypeptide(L)'
;IQKTPQIQVYSRHPPENGKPNILNCYVTQFHPPHIEIQMLKNGKKIPKVEMSDMSFSKDWSFYILAHTEFTPTETDTYAC
RVKHASMAEPKTVYWDR
;
B
#
# COMPACT_ATOMS: atom_id res chain seq x y z
N ASN A 7 -11.81 13.08 8.23
CA ASN A 7 -10.57 13.51 7.50
C ASN A 7 -10.02 12.34 6.65
N TYR A 8 -10.28 12.40 5.34
CA TYR A 8 -9.89 11.32 4.42
C TYR A 8 -9.01 11.82 3.29
N THR A 9 -7.93 11.07 3.02
CA THR A 9 -7.10 11.29 1.84
C THR A 9 -7.60 10.39 0.70
N PHE A 10 -8.00 11.01 -0.40
CA PHE A 10 -8.35 10.31 -1.63
C PHE A 10 -7.16 10.39 -2.56
N ARG A 11 -6.65 9.25 -3.02
CA ARG A 11 -5.49 9.28 -3.91
C ARG A 11 -5.60 8.29 -5.06
N CYS A 12 -5.37 8.79 -6.27
CA CYS A 12 -5.30 8.00 -7.47
C CYS A 12 -3.82 7.83 -7.77
N LEU A 13 -3.38 6.58 -7.81
CA LEU A 13 -1.98 6.23 -7.91
C LEU A 13 -1.75 5.55 -9.24
N GLN A 14 -0.94 6.18 -10.08
CA GLN A 14 -0.63 5.69 -11.42
C GLN A 14 0.81 5.24 -11.42
N MET A 15 1.05 4.04 -11.94
CA MET A 15 2.38 3.46 -12.06
C MET A 15 2.61 3.11 -13.52
N SER A 16 3.59 3.77 -14.14
CA SER A 16 3.90 3.56 -15.55
C SER A 16 5.35 3.12 -15.73
N SER A 17 5.55 2.04 -16.47
CA SER A 17 6.86 1.46 -16.69
C SER A 17 7.11 1.42 -18.18
N PHE A 18 8.27 1.92 -18.58
CA PHE A 18 8.72 1.92 -19.97
C PHE A 18 10.07 1.22 -20.01
N ALA A 19 10.12 0.02 -20.61
CA ALA A 19 11.34 -0.78 -20.67
C ALA A 19 12.15 -0.47 -21.93
N ASN A 20 11.44 -0.21 -23.04
CA ASN A 20 12.05 0.18 -24.31
C ASN A 20 11.00 0.90 -25.17
N ARG A 21 11.32 1.19 -26.43
CA ARG A 21 10.35 1.80 -27.36
C ARG A 21 9.13 0.90 -27.67
N SER A 22 9.26 -0.40 -27.47
CA SER A 22 8.18 -1.36 -27.75
C SER A 22 7.33 -1.75 -26.54
N TRP A 23 7.94 -1.80 -25.34
CA TRP A 23 7.28 -2.34 -24.15
C TRP A 23 6.98 -1.26 -23.12
N SER A 24 5.70 -1.13 -22.77
CA SER A 24 5.32 -0.30 -21.64
C SER A 24 3.98 -0.74 -21.07
N ARG A 25 3.73 -0.34 -19.83
CA ARG A 25 2.44 -0.56 -19.20
C ARG A 25 2.14 0.48 -18.17
N THR A 26 0.86 0.75 -17.99
CA THR A 26 0.37 1.68 -17.00
C THR A 26 -0.75 0.98 -16.22
N ASP A 27 -0.62 1.00 -14.89
CA ASP A 27 -1.61 0.43 -14.00
C ASP A 27 -1.87 1.44 -12.89
N SER A 28 -3.12 1.53 -12.47
CA SER A 28 -3.53 2.45 -11.43
C SER A 28 -4.35 1.74 -10.37
N VAL A 29 -4.27 2.28 -9.15
CA VAL A 29 -5.14 1.91 -8.04
C VAL A 29 -5.63 3.21 -7.41
N VAL A 30 -6.82 3.16 -6.82
CA VAL A 30 -7.40 4.33 -6.14
C VAL A 30 -7.81 3.95 -4.74
N TRP A 31 -7.46 4.82 -3.79
CA TRP A 31 -7.70 4.61 -2.36
C TRP A 31 -8.53 5.74 -1.77
N LEU A 32 -9.48 5.41 -0.91
CA LEU A 32 -10.13 6.40 -0.07
C LEU A 32 -9.76 6.03 1.35
N GLY A 33 -8.89 6.85 1.93
CA GLY A 33 -8.17 6.47 3.15
C GLY A 33 -7.38 5.22 2.86
N ASP A 34 -7.63 4.17 3.64
CA ASP A 34 -6.95 2.90 3.48
C ASP A 34 -7.79 1.80 2.78
N LEU A 35 -8.93 2.18 2.20
CA LEU A 35 -9.76 1.25 1.45
C LEU A 35 -9.63 1.50 -0.03
N GLN A 36 -9.36 0.44 -0.79
CA GLN A 36 -9.23 0.53 -2.24
C GLN A 36 -10.61 0.62 -2.85
N THR A 37 -10.80 1.63 -3.71
CA THR A 37 -12.07 1.89 -4.38
C THR A 37 -12.05 1.54 -5.88
N HIS A 38 -10.88 1.63 -6.51
CA HIS A 38 -10.75 1.29 -7.91
C HIS A 38 -9.42 0.61 -8.21
N ARG A 39 -9.41 -0.12 -9.33
CA ARG A 39 -8.20 -0.57 -9.98
C ARG A 39 -8.39 -0.37 -11.47
N TRP A 40 -7.31 -0.04 -12.17
CA TRP A 40 -7.34 0.01 -13.61
C TRP A 40 -6.07 -0.62 -14.16
N SER A 41 -6.18 -1.90 -14.51
CA SER A 41 -5.06 -2.65 -15.05
C SER A 41 -4.76 -2.20 -16.47
N ASN A 42 -3.48 -2.31 -16.85
CA ASN A 42 -3.07 -2.09 -18.24
C ASN A 42 -3.87 -2.93 -19.24
N ASP A 43 -4.20 -4.16 -18.83
CA ASP A 43 -4.94 -5.11 -19.66
C ASP A 43 -6.42 -4.78 -19.85
N SER A 44 -6.99 -3.88 -19.06
CA SER A 44 -8.42 -3.57 -19.09
C SER A 44 -8.69 -2.24 -19.80
N ALA A 45 -9.70 -2.26 -20.66
CA ALA A 45 -10.14 -1.05 -21.34
C ALA A 45 -10.81 -0.09 -20.36
N THR A 46 -11.49 -0.61 -19.35
CA THR A 46 -12.26 0.20 -18.42
C THR A 46 -11.71 0.12 -17.00
N ILE A 47 -12.03 1.15 -16.23
CA ILE A 47 -11.67 1.22 -14.82
C ILE A 47 -12.57 0.25 -14.07
N SER A 48 -12.01 -0.51 -13.14
CA SER A 48 -12.78 -1.47 -12.34
C SER A 48 -13.14 -0.91 -10.95
N PHE A 49 -14.39 -1.15 -10.54
CA PHE A 49 -14.84 -0.85 -9.20
C PHE A 49 -14.44 -1.99 -8.26
N THR A 50 -13.84 -1.65 -7.12
CA THR A 50 -13.51 -2.64 -6.10
C THR A 50 -14.40 -2.48 -4.84
N LYS A 51 -15.40 -1.59 -4.91
CA LYS A 51 -16.46 -1.53 -3.91
C LYS A 51 -17.81 -1.39 -4.62
N PRO A 52 -18.91 -1.77 -3.96
CA PRO A 52 -20.24 -1.52 -4.56
C PRO A 52 -20.53 -0.03 -4.77
N TRP A 53 -19.88 0.82 -3.98
CA TRP A 53 -20.13 2.26 -3.96
C TRP A 53 -19.06 3.08 -4.70
N SER A 54 -18.26 2.42 -5.55
CA SER A 54 -17.11 3.08 -6.17
C SER A 54 -17.44 4.13 -7.22
N GLN A 55 -18.69 4.15 -7.68
CA GLN A 55 -19.15 5.23 -8.57
C GLN A 55 -19.56 6.47 -7.80
N GLY A 56 -19.58 6.39 -6.46
CA GLY A 56 -19.98 7.50 -5.63
C GLY A 56 -21.40 7.90 -5.97
N LYS A 57 -21.64 9.21 -6.04
CA LYS A 57 -22.94 9.75 -6.38
C LYS A 57 -23.02 10.26 -7.83
N LEU A 58 -22.05 9.88 -8.69
CA LEU A 58 -22.09 10.29 -10.10
C LEU A 58 -23.02 9.37 -10.89
N SER A 59 -23.87 9.94 -11.75
CA SER A 59 -24.59 9.16 -12.78
C SER A 59 -23.68 8.41 -13.72
N ASN A 60 -24.26 7.45 -14.43
CA ASN A 60 -23.52 6.64 -15.41
C ASN A 60 -22.98 7.50 -16.55
N GLN A 61 -23.74 8.54 -16.91
CA GLN A 61 -23.30 9.55 -17.89
C GLN A 61 -22.03 10.26 -17.42
N GLN A 62 -22.06 10.81 -16.22
CA GLN A 62 -20.90 11.52 -15.65
C GLN A 62 -19.68 10.59 -15.50
N TRP A 63 -19.91 9.38 -15.00
CA TRP A 63 -18.84 8.39 -14.87
C TRP A 63 -18.25 8.05 -16.22
N GLU A 64 -19.09 7.81 -17.23
CA GLU A 64 -18.62 7.49 -18.58
C GLU A 64 -17.79 8.64 -19.17
N LYS A 65 -18.23 9.89 -18.98
CA LYS A 65 -17.46 11.05 -19.47
C LYS A 65 -16.08 11.09 -18.82
N LEU A 66 -16.06 10.87 -17.51
CA LEU A 66 -14.80 10.78 -16.73
C LEU A 66 -13.89 9.65 -17.25
N GLN A 67 -14.47 8.46 -17.40
CA GLN A 67 -13.72 7.30 -17.88
C GLN A 67 -13.17 7.52 -19.28
N HIS A 68 -13.98 8.09 -20.17
CA HIS A 68 -13.49 8.37 -21.52
C HIS A 68 -12.30 9.34 -21.48
N MET A 69 -12.41 10.39 -20.70
CA MET A 69 -11.29 11.31 -20.51
C MET A 69 -10.02 10.56 -20.03
N PHE A 70 -10.16 9.66 -19.06
CA PHE A 70 -9.01 8.87 -18.58
C PHE A 70 -8.47 7.87 -19.61
N GLN A 71 -9.35 7.31 -20.42
CA GLN A 71 -8.93 6.41 -21.51
C GLN A 71 -8.08 7.13 -22.54
N VAL A 72 -8.50 8.33 -22.91
CA VAL A 72 -7.72 9.19 -23.83
C VAL A 72 -6.37 9.55 -23.18
N TYR A 73 -6.43 9.97 -21.93
CA TYR A 73 -5.21 10.27 -21.15
C TYR A 73 -4.21 9.12 -21.15
N ARG A 74 -4.64 7.90 -20.88
CA ARG A 74 -3.70 6.77 -20.74
C ARG A 74 -2.92 6.54 -22.04
N VAL A 75 -3.64 6.55 -23.17
CA VAL A 75 -3.02 6.39 -24.49
C VAL A 75 -2.08 7.57 -24.78
N SER A 76 -2.57 8.79 -24.52
CA SER A 76 -1.82 10.01 -24.82
C SER A 76 -0.56 10.11 -23.99
N PHE A 77 -0.68 9.82 -22.69
CA PHE A 77 0.46 9.84 -21.78
C PHE A 77 1.57 8.91 -22.26
N THR A 78 1.19 7.69 -22.65
CA THR A 78 2.15 6.69 -23.11
C THR A 78 2.91 7.20 -24.35
N ARG A 79 2.16 7.72 -25.32
CA ARG A 79 2.73 8.23 -26.56
C ARG A 79 3.67 9.40 -26.25
N ASP A 80 3.16 10.34 -25.46
CA ASP A 80 3.92 11.55 -25.11
C ASP A 80 5.23 11.19 -24.43
N ILE A 81 5.19 10.32 -23.40
CA ILE A 81 6.42 9.93 -22.70
C ILE A 81 7.45 9.32 -23.65
N GLN A 82 7.03 8.39 -24.51
CA GLN A 82 7.98 7.78 -25.46
C GLN A 82 8.51 8.75 -26.52
N GLU A 83 7.74 9.79 -26.85
CA GLU A 83 8.23 10.88 -27.70
C GLU A 83 9.09 11.86 -26.89
N LEU A 84 8.56 12.33 -25.75
CA LEU A 84 9.27 13.25 -24.85
C LEU A 84 10.52 12.63 -24.19
N VAL A 85 10.68 11.30 -24.31
CA VAL A 85 11.98 10.64 -24.14
C VAL A 85 12.94 11.18 -25.20
N LYS A 86 12.70 10.82 -26.47
CA LYS A 86 13.62 11.11 -27.60
C LYS A 86 14.19 12.54 -27.61
N MET A 87 13.37 13.52 -27.22
CA MET A 87 13.80 14.91 -27.01
C MET A 87 15.08 14.98 -26.16
N MET A 88 14.99 14.60 -24.89
CA MET A 88 16.15 14.55 -23.99
C MET A 88 16.58 13.08 -23.82
N SER A 89 17.05 12.51 -24.92
CA SER A 89 17.56 11.13 -24.99
C SER A 89 18.49 11.00 -26.21
N PRO A 90 19.67 10.37 -26.08
CA PRO A 90 20.09 9.54 -24.94
C PRO A 90 20.76 10.26 -23.76
N LYS A 91 20.48 11.55 -23.55
CA LYS A 91 20.70 12.20 -22.25
C LYS A 91 20.18 11.27 -21.14
N GLU A 92 18.89 10.95 -21.21
CA GLU A 92 18.25 9.90 -20.39
C GLU A 92 17.79 8.76 -21.30
N ASP A 93 17.70 7.55 -20.73
CA ASP A 93 17.16 6.42 -21.49
C ASP A 93 16.61 5.32 -20.58
N TYR A 94 16.11 4.26 -21.22
CA TYR A 94 15.34 3.22 -20.56
C TYR A 94 16.22 2.38 -19.61
N PRO A 95 15.65 1.75 -18.60
CA PRO A 95 14.22 1.77 -18.28
C PRO A 95 13.75 3.07 -17.64
N ILE A 96 12.48 3.40 -17.82
CA ILE A 96 11.88 4.60 -17.21
C ILE A 96 10.68 4.21 -16.33
N GLU A 97 10.65 4.75 -15.12
CA GLU A 97 9.57 4.50 -14.18
C GLU A 97 8.96 5.84 -13.78
N ILE A 98 7.67 5.99 -14.02
CA ILE A 98 6.95 7.20 -13.64
C ILE A 98 5.80 6.82 -12.73
N GLN A 99 5.63 7.60 -11.67
CA GLN A 99 4.53 7.43 -10.74
C GLN A 99 3.83 8.76 -10.61
N LEU A 100 2.51 8.69 -10.53
CA LEU A 100 1.70 9.90 -10.36
C LEU A 100 0.76 9.65 -9.20
N SER A 101 0.67 10.62 -8.31
CA SER A 101 -0.21 10.57 -7.16
C SER A 101 -1.03 11.84 -7.17
N ALA A 102 -2.33 11.68 -7.37
CA ALA A 102 -3.25 12.81 -7.49
C ALA A 102 -4.52 12.53 -6.72
N GLY A 103 -5.07 13.59 -6.14
CA GLY A 103 -6.25 13.47 -5.33
C GLY A 103 -6.50 14.69 -4.48
N CYS A 104 -7.21 14.48 -3.39
CA CYS A 104 -7.59 15.56 -2.48
C CYS A 104 -7.80 15.03 -1.07
N GLU A 105 -7.55 15.90 -0.10
CA GLU A 105 -7.70 15.63 1.31
C GLU A 105 -8.91 16.43 1.79
N MET A 106 -9.87 15.75 2.40
CA MET A 106 -11.16 16.35 2.77
C MET A 106 -11.11 16.80 4.23
N TYR A 107 -10.86 18.10 4.43
CA TYR A 107 -10.69 18.70 5.75
C TYR A 107 -12.02 18.86 6.53
N PRO A 108 -11.97 19.31 7.81
CA PRO A 108 -13.21 19.57 8.57
C PRO A 108 -14.19 20.55 7.90
N GLY A 109 -15.48 20.23 7.96
CA GLY A 109 -16.54 21.06 7.40
C GLY A 109 -16.61 21.02 5.89
N ASN A 110 -16.35 22.18 5.26
CA ASN A 110 -16.53 22.36 3.82
C ASN A 110 -15.21 22.22 3.01
N ALA A 111 -14.08 22.14 3.70
CA ALA A 111 -12.77 22.35 3.08
C ALA A 111 -12.19 21.11 2.40
N SER A 112 -11.39 21.35 1.36
CA SER A 112 -10.51 20.32 0.80
C SER A 112 -9.34 20.95 0.04
N GLU A 113 -8.21 20.25 0.01
CA GLU A 113 -7.03 20.64 -0.79
C GLU A 113 -6.66 19.51 -1.74
N SER A 114 -6.35 19.86 -2.98
CA SER A 114 -6.00 18.87 -3.99
C SER A 114 -4.52 18.85 -4.29
N PHE A 115 -4.06 17.75 -4.86
CA PHE A 115 -2.65 17.61 -5.17
C PHE A 115 -2.47 16.76 -6.42
N LEU A 116 -1.34 16.96 -7.08
CA LEU A 116 -0.95 16.13 -8.19
C LEU A 116 0.56 16.14 -8.22
N HIS A 117 1.16 15.03 -7.82
CA HIS A 117 2.62 14.91 -7.70
C HIS A 117 3.10 13.81 -8.62
N VAL A 118 4.26 14.03 -9.25
CA VAL A 118 4.86 13.07 -10.17
C VAL A 118 6.30 12.74 -9.77
N ALA A 119 6.62 11.45 -9.74
CA ALA A 119 7.99 10.96 -9.49
C ALA A 119 8.58 10.29 -10.73
N PHE A 120 9.88 10.50 -10.95
CA PHE A 120 10.62 9.89 -12.06
C PHE A 120 11.75 9.08 -11.43
N GLN A 121 11.84 7.81 -11.78
CA GLN A 121 12.82 6.87 -11.21
C GLN A 121 12.75 6.89 -9.67
N GLY A 122 11.53 6.85 -9.14
CA GLY A 122 11.31 6.83 -7.69
C GLY A 122 11.56 8.11 -6.91
N LYS A 123 11.77 9.22 -7.61
CA LYS A 123 12.04 10.52 -6.97
C LYS A 123 11.07 11.60 -7.48
N TYR A 124 10.48 12.34 -6.54
CA TYR A 124 9.57 13.47 -6.82
C TYR A 124 10.26 14.56 -7.64
N VAL A 125 9.66 14.89 -8.79
CA VAL A 125 10.24 15.86 -9.74
C VAL A 125 9.30 16.97 -10.22
N VAL A 126 8.00 16.68 -10.27
CA VAL A 126 7.04 17.58 -10.91
C VAL A 126 5.74 17.59 -10.12
N ARG A 127 5.09 18.75 -10.06
CA ARG A 127 3.71 18.83 -9.59
C ARG A 127 2.91 19.76 -10.47
N PHE A 128 1.59 19.60 -10.42
CA PHE A 128 0.69 20.61 -10.95
C PHE A 128 0.35 21.54 -9.80
N TRP A 129 0.41 22.84 -10.05
CA TRP A 129 0.18 23.79 -8.98
C TRP A 129 -0.59 24.98 -9.51
N GLY A 130 -1.84 25.11 -9.07
CA GLY A 130 -2.71 26.19 -9.44
C GLY A 130 -3.21 26.07 -10.87
N THR A 131 -2.39 26.53 -11.82
CA THR A 131 -2.75 26.54 -13.24
C THR A 131 -1.67 25.99 -14.17
N SER A 132 -0.57 25.45 -13.63
CA SER A 132 0.51 24.96 -14.48
C SER A 132 1.36 23.86 -13.84
N TRP A 133 2.06 23.12 -14.71
CA TRP A 133 3.05 22.13 -14.29
C TRP A 133 4.28 22.85 -13.83
N GLN A 134 4.92 22.36 -12.78
CA GLN A 134 6.21 22.92 -12.40
C GLN A 134 7.15 21.86 -11.93
N THR A 135 8.43 22.07 -12.21
CA THR A 135 9.49 21.20 -11.70
C THR A 135 9.76 21.63 -10.28
N VAL A 136 10.10 20.67 -9.43
CA VAL A 136 10.47 20.97 -8.05
C VAL A 136 11.95 21.34 -7.99
N PRO A 137 12.36 22.15 -6.99
CA PRO A 137 13.79 22.44 -6.89
C PRO A 137 14.62 21.17 -6.77
N GLY A 138 15.69 21.11 -7.56
CA GLY A 138 16.57 19.98 -7.58
C GLY A 138 16.21 18.92 -8.60
N ALA A 139 15.11 19.12 -9.35
CA ALA A 139 14.74 18.19 -10.41
C ALA A 139 15.76 18.36 -11.54
N PRO A 140 16.05 17.28 -12.30
CA PRO A 140 17.00 17.35 -13.42
C PRO A 140 16.62 18.46 -14.41
N SER A 141 17.60 19.25 -14.82
CA SER A 141 17.34 20.46 -15.61
C SER A 141 16.76 20.15 -16.99
N TRP A 142 16.99 18.94 -17.48
CA TRP A 142 16.42 18.51 -18.75
C TRP A 142 14.88 18.46 -18.76
N LEU A 143 14.25 18.32 -17.60
CA LEU A 143 12.78 18.34 -17.51
C LEU A 143 12.15 19.71 -17.82
N ASP A 144 12.94 20.80 -17.79
CA ASP A 144 12.38 22.13 -18.01
C ASP A 144 11.75 22.30 -19.39
N LEU A 145 12.38 21.74 -20.42
CA LEU A 145 11.83 21.82 -21.78
C LEU A 145 10.54 21.00 -21.98
N PRO A 146 10.52 19.70 -21.62
CA PRO A 146 9.26 18.95 -21.66
C PRO A 146 8.11 19.64 -20.91
N ILE A 147 8.40 20.21 -19.74
CA ILE A 147 7.39 20.93 -18.94
C ILE A 147 6.89 22.21 -19.62
N LYS A 148 7.79 22.96 -20.26
CA LYS A 148 7.37 24.08 -21.12
C LYS A 148 6.38 23.59 -22.22
N VAL A 149 6.72 22.49 -22.88
CA VAL A 149 5.85 21.93 -23.95
C VAL A 149 4.47 21.56 -23.37
N LEU A 150 4.46 20.93 -22.19
CA LEU A 150 3.18 20.57 -21.54
C LEU A 150 2.39 21.80 -21.14
N ASN A 151 3.07 22.81 -20.62
CA ASN A 151 2.41 24.06 -20.21
C ASN A 151 1.85 24.89 -21.36
N ALA A 152 2.32 24.65 -22.58
CA ALA A 152 1.72 25.29 -23.78
C ALA A 152 0.36 24.69 -24.14
N ASP A 153 0.08 23.47 -23.68
CA ASP A 153 -1.21 22.81 -23.91
C ASP A 153 -2.26 23.28 -22.91
N GLN A 154 -2.95 24.36 -23.27
CA GLN A 154 -3.94 24.97 -22.39
C GLN A 154 -5.18 24.08 -22.18
N GLY A 155 -5.52 23.24 -23.16
CA GLY A 155 -6.63 22.31 -23.00
C GLY A 155 -6.40 21.33 -21.85
N THR A 156 -5.20 20.77 -21.80
CA THR A 156 -4.80 19.87 -20.73
C THR A 156 -4.79 20.59 -19.39
N SER A 157 -4.22 21.79 -19.37
CA SER A 157 -4.19 22.61 -18.15
C SER A 157 -5.59 22.85 -17.58
N ALA A 158 -6.52 23.27 -18.43
CA ALA A 158 -7.90 23.52 -18.01
C ALA A 158 -8.60 22.26 -17.50
N THR A 159 -8.34 21.12 -18.13
CA THR A 159 -8.93 19.86 -17.68
C THR A 159 -8.39 19.44 -16.31
N VAL A 160 -7.07 19.56 -16.13
CA VAL A 160 -6.44 19.20 -14.86
C VAL A 160 -6.93 20.13 -13.73
N GLN A 161 -7.00 21.43 -14.02
CA GLN A 161 -7.61 22.39 -13.09
C GLN A 161 -9.03 22.00 -12.67
N MET A 162 -9.85 21.59 -13.63
CA MET A 162 -11.21 21.12 -13.34
C MET A 162 -11.17 19.91 -12.42
N LEU A 163 -10.34 18.93 -12.77
CA LEU A 163 -10.26 17.68 -12.03
C LEU A 163 -9.84 17.91 -10.58
N LEU A 164 -8.84 18.75 -10.38
CA LEU A 164 -8.33 19.04 -9.04
C LEU A 164 -9.27 19.94 -8.23
N ASN A 165 -9.69 21.06 -8.83
CA ASN A 165 -10.54 22.04 -8.13
C ASN A 165 -11.97 21.59 -7.91
N ASP A 166 -12.57 20.94 -8.91
CA ASP A 166 -14.02 20.63 -8.91
C ASP A 166 -14.31 19.16 -8.72
N THR A 167 -13.81 18.34 -9.65
CA THR A 167 -14.19 16.94 -9.74
C THR A 167 -13.77 16.16 -8.49
N CYS A 168 -12.53 16.34 -8.05
CA CYS A 168 -12.01 15.56 -6.92
C CYS A 168 -12.88 15.72 -5.67
N PRO A 169 -13.03 16.96 -5.14
CA PRO A 169 -13.87 17.06 -3.93
C PRO A 169 -15.31 16.61 -4.16
N LEU A 170 -15.89 16.96 -5.33
CA LEU A 170 -17.24 16.52 -5.71
C LEU A 170 -17.37 15.03 -5.63
N PHE A 171 -16.46 14.31 -6.29
CA PHE A 171 -16.51 12.87 -6.33
C PHE A 171 -16.38 12.28 -4.92
N VAL A 172 -15.46 12.83 -4.14
CA VAL A 172 -15.18 12.28 -2.80
C VAL A 172 -16.35 12.47 -1.82
N ARG A 173 -17.01 13.64 -1.84
CA ARG A 173 -18.26 13.81 -1.06
C ARG A 173 -19.25 12.68 -1.32
N GLY A 174 -19.45 12.37 -2.59
CA GLY A 174 -20.32 11.27 -3.00
C GLY A 174 -19.84 9.90 -2.56
N LEU A 175 -18.52 9.66 -2.62
CA LEU A 175 -17.96 8.41 -2.10
C LEU A 175 -18.22 8.27 -0.59
N LEU A 176 -18.01 9.34 0.16
CA LEU A 176 -18.17 9.32 1.62
C LEU A 176 -19.59 8.99 2.03
N GLU A 177 -20.56 9.58 1.32
CA GLU A 177 -21.97 9.27 1.52
C GLU A 177 -22.31 7.83 1.11
N ALA A 178 -21.91 7.45 -0.10
CA ALA A 178 -22.21 6.12 -0.63
C ALA A 178 -21.50 4.99 0.13
N GLY A 179 -20.28 5.25 0.59
CA GLY A 179 -19.45 4.23 1.28
C GLY A 179 -19.47 4.28 2.79
N LYS A 180 -20.47 4.96 3.36
CA LYS A 180 -20.54 5.25 4.80
C LYS A 180 -20.37 3.99 5.67
N SER A 181 -21.13 2.94 5.39
CA SER A 181 -21.12 1.73 6.22
C SER A 181 -19.78 0.98 6.19
N ASP A 182 -19.07 1.05 5.07
CA ASP A 182 -17.72 0.47 5.00
C ASP A 182 -16.69 1.38 5.62
N LEU A 183 -16.77 2.68 5.36
CA LEU A 183 -15.78 3.62 5.90
C LEU A 183 -15.82 3.66 7.40
N GLU A 184 -17.02 3.49 7.97
CA GLU A 184 -17.23 3.50 9.43
C GLU A 184 -17.31 2.09 10.05
N LYS A 185 -16.94 1.06 9.30
CA LYS A 185 -16.99 -0.31 9.82
C LYS A 185 -16.06 -0.42 11.03
N GLN A 186 -16.43 -1.29 11.95
CA GLN A 186 -15.64 -1.62 13.12
C GLN A 186 -15.47 -3.12 13.09
N GLU A 187 -14.21 -3.59 13.06
CA GLU A 187 -13.89 -5.01 13.11
C GLU A 187 -12.97 -5.23 14.31
N LYS A 188 -13.22 -6.30 15.04
CA LYS A 188 -12.52 -6.53 16.31
C LYS A 188 -11.17 -7.20 16.13
N PRO A 189 -10.17 -6.74 16.91
CA PRO A 189 -8.89 -7.46 16.93
C PRO A 189 -9.05 -8.79 17.65
N VAL A 190 -8.25 -9.78 17.21
CA VAL A 190 -8.01 -10.99 17.96
C VAL A 190 -6.51 -10.99 18.21
N ALA A 191 -6.12 -11.36 19.41
CA ALA A 191 -4.71 -11.33 19.78
C ALA A 191 -4.22 -12.69 20.19
N TRP A 192 -2.93 -12.90 20.03
CA TRP A 192 -2.25 -14.05 20.57
C TRP A 192 -0.81 -13.75 20.92
N LEU A 193 -0.23 -14.61 21.75
CA LEU A 193 1.16 -14.48 22.19
C LEU A 193 2.00 -15.63 21.65
N SER A 194 3.25 -15.31 21.31
CA SER A 194 4.24 -16.30 20.97
C SER A 194 5.62 -15.77 21.40
N SER A 195 6.66 -16.56 21.16
CA SER A 195 8.02 -16.07 21.33
C SER A 195 8.90 -16.57 20.19
N VAL A 196 9.92 -15.79 19.89
CA VAL A 196 10.89 -16.11 18.83
C VAL A 196 12.30 -15.88 19.38
N PRO A 197 13.33 -16.33 18.65
CA PRO A 197 14.70 -16.02 19.08
C PRO A 197 14.97 -14.52 19.14
N SER A 198 15.71 -14.11 20.18
CA SER A 198 16.19 -12.73 20.32
C SER A 198 17.54 -12.61 19.62
N SER A 199 17.85 -11.38 19.18
CA SER A 199 19.19 -11.05 18.69
C SER A 199 20.19 -10.85 19.85
N ALA A 200 19.67 -10.63 21.07
CA ALA A 200 20.48 -10.53 22.29
C ALA A 200 20.55 -11.89 23.00
N HIS A 201 21.76 -12.22 23.49
CA HIS A 201 21.98 -13.44 24.28
C HIS A 201 21.26 -13.34 25.63
N GLY A 202 20.87 -14.50 26.17
CA GLY A 202 20.19 -14.56 27.47
C GLY A 202 18.72 -14.16 27.48
N HIS A 203 18.18 -13.83 26.30
CA HIS A 203 16.86 -13.25 26.16
C HIS A 203 15.99 -14.10 25.24
N ARG A 204 14.68 -13.93 25.37
CA ARG A 204 13.73 -14.31 24.32
C ARG A 204 12.90 -13.08 23.96
N GLN A 205 12.42 -13.06 22.71
CA GLN A 205 11.53 -12.02 22.23
C GLN A 205 10.08 -12.52 22.32
N LEU A 206 9.31 -11.90 23.20
CA LEU A 206 7.89 -12.16 23.33
C LEU A 206 7.17 -11.34 22.28
N VAL A 207 6.18 -11.95 21.62
CA VAL A 207 5.45 -11.27 20.55
C VAL A 207 4.00 -11.26 20.89
N CYS A 208 3.39 -10.08 20.84
CA CYS A 208 1.95 -9.95 21.00
C CYS A 208 1.41 -9.58 19.62
N HIS A 209 0.65 -10.49 19.04
CA HIS A 209 0.09 -10.36 17.70
C HIS A 209 -1.34 -9.84 17.82
N VAL A 210 -1.71 -8.87 17.00
CA VAL A 210 -3.04 -8.30 17.01
C VAL A 210 -3.50 -8.26 15.56
N SER A 211 -4.57 -9.00 15.24
CA SER A 211 -5.02 -9.14 13.85
C SER A 211 -6.52 -9.03 13.65
N GLY A 212 -6.90 -8.41 12.53
CA GLY A 212 -8.29 -8.39 12.11
C GLY A 212 -9.06 -7.15 12.51
N PHE A 213 -8.35 -6.12 12.94
CA PHE A 213 -9.03 -4.95 13.48
C PHE A 213 -9.20 -3.92 12.37
N TYR A 214 -10.25 -3.12 12.51
CA TYR A 214 -10.51 -1.98 11.62
C TYR A 214 -11.38 -0.99 12.39
N PRO A 215 -11.13 0.33 12.33
CA PRO A 215 -10.07 0.99 11.56
C PRO A 215 -8.70 0.88 12.22
N LYS A 216 -7.69 1.50 11.62
CA LYS A 216 -6.30 1.36 12.05
C LYS A 216 -5.99 1.66 13.51
N PRO A 217 -6.50 2.78 14.04
CA PRO A 217 -5.99 3.20 15.35
C PRO A 217 -6.15 2.09 16.40
N VAL A 218 -5.05 1.74 17.08
CA VAL A 218 -5.03 0.65 18.05
C VAL A 218 -3.93 0.94 19.09
N TRP A 219 -4.07 0.34 20.27
CA TRP A 219 -3.09 0.50 21.34
C TRP A 219 -2.73 -0.89 21.81
N VAL A 220 -1.43 -1.19 21.84
CA VAL A 220 -0.94 -2.50 22.26
C VAL A 220 0.26 -2.27 23.15
N MET A 221 0.25 -2.85 24.35
CA MET A 221 1.36 -2.66 25.29
C MET A 221 1.61 -3.92 26.10
N TRP A 222 2.88 -4.27 26.28
CA TRP A 222 3.24 -5.26 27.28
C TRP A 222 3.15 -4.61 28.66
N MET A 223 2.63 -5.37 29.62
CA MET A 223 2.32 -4.88 30.96
C MET A 223 2.86 -5.83 32.02
N ARG A 224 3.27 -5.28 33.15
CA ARG A 224 3.47 -6.07 34.36
C ARG A 224 2.57 -5.40 35.37
N GLY A 225 1.39 -6.01 35.57
CA GLY A 225 0.30 -5.36 36.32
C GLY A 225 -0.20 -4.09 35.64
N ASP A 226 -0.18 -2.99 36.39
CA ASP A 226 -0.50 -1.64 35.86
C ASP A 226 0.68 -0.93 35.19
N GLN A 227 1.88 -1.49 35.27
CA GLN A 227 3.08 -0.84 34.74
C GLN A 227 3.29 -1.19 33.27
N GLU A 228 3.20 -0.17 32.43
CA GLU A 228 3.61 -0.27 31.04
C GLU A 228 5.08 -0.68 30.93
N GLN A 229 5.37 -1.69 30.11
CA GLN A 229 6.74 -2.09 29.82
C GLN A 229 7.29 -1.28 28.65
N GLN A 230 8.20 -0.37 28.96
CA GLN A 230 8.75 0.56 27.98
C GLN A 230 9.67 -0.09 26.96
N GLY A 231 10.05 -1.33 27.17
CA GLY A 231 10.70 -2.15 26.17
C GLY A 231 9.80 -2.58 25.00
N THR A 232 8.50 -2.36 25.12
CA THR A 232 7.52 -2.68 24.10
C THR A 232 7.90 -2.01 22.79
N HIS A 233 8.10 -2.82 21.76
CA HIS A 233 8.50 -2.34 20.43
C HIS A 233 7.37 -2.65 19.44
N ARG A 234 6.61 -1.63 19.09
CA ARG A 234 5.51 -1.75 18.16
C ARG A 234 6.02 -1.82 16.73
N GLY A 235 5.59 -2.83 15.97
CA GLY A 235 5.91 -2.90 14.54
C GLY A 235 5.03 -1.98 13.71
N ASP A 236 5.08 -2.16 12.39
CA ASP A 236 4.24 -1.39 11.47
C ASP A 236 2.86 -2.03 11.32
N PHE A 237 1.90 -1.23 10.88
CA PHE A 237 0.61 -1.75 10.43
C PHE A 237 0.83 -2.55 9.13
N LEU A 238 0.45 -3.82 9.14
CA LEU A 238 0.56 -4.73 8.00
C LEU A 238 -0.84 -5.14 7.56
N PRO A 239 -1.11 -5.11 6.24
CA PRO A 239 -2.46 -5.41 5.79
C PRO A 239 -2.78 -6.91 5.79
N ASN A 240 -3.99 -7.24 6.21
CA ASN A 240 -4.59 -8.53 5.89
C ASN A 240 -5.29 -8.39 4.54
N ALA A 241 -5.58 -9.51 3.91
CA ALA A 241 -6.21 -9.51 2.59
C ALA A 241 -7.73 -9.20 2.62
N ASP A 242 -8.33 -9.18 3.81
CA ASP A 242 -9.76 -8.93 3.98
C ASP A 242 -10.08 -7.52 4.50
N GLU A 243 -9.23 -6.55 4.18
CA GLU A 243 -9.45 -5.14 4.54
C GLU A 243 -9.54 -4.92 6.08
N THR A 244 -8.64 -5.62 6.76
CA THR A 244 -8.37 -5.44 8.17
C THR A 244 -6.85 -5.35 8.35
N TRP A 245 -6.44 -5.04 9.58
CA TRP A 245 -5.06 -4.76 9.88
C TRP A 245 -4.47 -5.75 10.85
N TYR A 246 -3.14 -5.86 10.76
CA TYR A 246 -2.32 -6.67 11.63
C TYR A 246 -1.22 -5.77 12.20
N LEU A 247 -0.92 -5.97 13.48
CA LEU A 247 0.17 -5.30 14.15
C LEU A 247 0.72 -6.25 15.22
N GLN A 248 2.04 -6.25 15.39
CA GLN A 248 2.63 -6.95 16.52
C GLN A 248 3.50 -6.02 17.37
N ALA A 249 3.55 -6.31 18.67
CA ALA A 249 4.34 -5.55 19.62
C ALA A 249 5.22 -6.56 20.32
N THR A 250 6.53 -6.30 20.30
CA THR A 250 7.48 -7.25 20.85
C THR A 250 8.11 -6.74 22.15
N LEU A 251 8.67 -7.67 22.93
CA LEU A 251 9.36 -7.34 24.18
C LEU A 251 10.48 -8.35 24.39
N ASP A 252 11.71 -7.85 24.41
CA ASP A 252 12.88 -8.68 24.68
C ASP A 252 13.02 -8.79 26.19
N VAL A 253 12.99 -10.03 26.71
CA VAL A 253 12.99 -10.23 28.16
C VAL A 253 14.03 -11.27 28.58
N GLU A 254 14.62 -11.04 29.74
CA GLU A 254 15.64 -11.93 30.28
C GLU A 254 15.01 -13.29 30.62
N ALA A 255 15.78 -14.36 30.42
CA ALA A 255 15.38 -15.70 30.86
C ALA A 255 14.88 -15.65 32.30
N GLY A 256 13.72 -16.26 32.54
CA GLY A 256 13.10 -16.24 33.86
C GLY A 256 12.65 -14.88 34.34
N GLU A 257 12.43 -13.93 33.42
CA GLU A 257 11.76 -12.66 33.73
C GLU A 257 10.36 -12.66 33.07
N GLU A 258 9.98 -13.77 32.43
CA GLU A 258 8.75 -13.84 31.66
C GLU A 258 7.50 -13.78 32.53
N ALA A 259 7.57 -14.40 33.72
CA ALA A 259 6.40 -14.49 34.62
C ALA A 259 5.83 -13.11 35.00
N GLY A 260 4.51 -13.00 34.96
CA GLY A 260 3.78 -11.77 35.31
C GLY A 260 3.49 -10.83 34.14
N LEU A 261 4.06 -11.10 32.97
CA LEU A 261 3.84 -10.24 31.80
C LEU A 261 2.50 -10.51 31.17
N ALA A 262 1.87 -9.44 30.71
CA ALA A 262 0.64 -9.50 29.94
C ALA A 262 0.72 -8.57 28.74
N CYS A 263 -0.06 -8.86 27.71
CA CYS A 263 -0.27 -7.93 26.61
C CYS A 263 -1.68 -7.39 26.69
N ARG A 264 -1.81 -6.07 26.59
CA ARG A 264 -3.08 -5.38 26.67
C ARG A 264 -3.35 -4.64 25.36
N VAL A 265 -4.55 -4.83 24.84
CA VAL A 265 -4.97 -4.26 23.57
C VAL A 265 -6.24 -3.45 23.78
N LYS A 266 -6.22 -2.22 23.29
CA LYS A 266 -7.37 -1.33 23.24
C LYS A 266 -7.71 -1.01 21.80
N HIS A 267 -8.99 -1.01 21.49
CA HIS A 267 -9.45 -0.69 20.15
C HIS A 267 -10.89 -0.20 20.18
N SER A 268 -11.19 0.77 19.32
CA SER A 268 -12.52 1.38 19.20
C SER A 268 -13.68 0.37 19.14
N SER A 269 -13.46 -0.74 18.44
CA SER A 269 -14.45 -1.80 18.27
C SER A 269 -14.79 -2.60 19.53
N LEU A 270 -13.96 -2.50 20.56
CA LEU A 270 -14.12 -3.32 21.77
C LEU A 270 -14.99 -2.66 22.84
N GLY A 271 -15.35 -1.39 22.65
CA GLY A 271 -16.31 -0.70 23.52
C GLY A 271 -15.85 -0.47 24.95
N GLY A 272 -14.56 -0.19 25.11
CA GLY A 272 -13.93 -0.06 26.43
C GLY A 272 -13.49 -1.34 27.10
N GLN A 273 -13.73 -2.49 26.46
CA GLN A 273 -13.49 -3.81 27.01
C GLN A 273 -12.19 -4.40 26.42
N ASP A 274 -11.06 -4.04 27.02
CA ASP A 274 -9.72 -4.39 26.49
C ASP A 274 -9.48 -5.89 26.49
N ILE A 275 -8.70 -6.35 25.51
CA ILE A 275 -8.19 -7.72 25.54
C ILE A 275 -6.92 -7.70 26.40
N ILE A 276 -6.81 -8.67 27.30
CA ILE A 276 -5.59 -8.86 28.08
C ILE A 276 -5.24 -10.34 28.04
N LEU A 277 -4.05 -10.65 27.53
CA LEU A 277 -3.51 -12.00 27.49
C LEU A 277 -2.32 -12.07 28.43
N TYR A 278 -2.23 -13.15 29.21
CA TYR A 278 -1.10 -13.39 30.08
C TYR A 278 -0.12 -14.41 29.54
N TRP A 279 1.16 -14.09 29.64
CA TRP A 279 2.21 -14.97 29.20
C TRP A 279 2.34 -16.12 30.18
N GLN B 2 17.42 2.36 -7.26
CA GLN B 2 17.09 0.92 -6.99
C GLN B 2 17.00 0.66 -5.48
N LYS B 3 15.87 0.11 -5.02
CA LYS B 3 15.62 -0.13 -3.60
C LYS B 3 15.23 -1.59 -3.32
N THR B 4 15.81 -2.13 -2.25
CA THR B 4 15.71 -3.54 -1.88
C THR B 4 14.39 -3.86 -1.19
N PRO B 5 13.71 -4.98 -1.56
CA PRO B 5 12.44 -5.27 -0.88
C PRO B 5 12.64 -5.74 0.57
N GLN B 6 11.77 -5.26 1.46
CA GLN B 6 11.60 -5.82 2.79
C GLN B 6 10.40 -6.78 2.78
N ILE B 7 10.48 -7.83 3.58
CA ILE B 7 9.52 -8.92 3.53
C ILE B 7 9.08 -9.25 4.95
N GLN B 8 7.76 -9.24 5.17
CA GLN B 8 7.19 -9.66 6.44
C GLN B 8 6.18 -10.78 6.20
N VAL B 9 6.28 -11.83 7.02
CA VAL B 9 5.43 -13.01 6.92
C VAL B 9 4.66 -13.19 8.24
N TYR B 10 3.33 -13.34 8.14
CA TYR B 10 2.46 -13.38 9.33
C TYR B 10 1.16 -14.07 8.99
N SER B 11 0.51 -14.65 10.00
CA SER B 11 -0.78 -15.32 9.81
C SER B 11 -1.94 -14.39 10.11
N ARG B 12 -3.05 -14.62 9.43
CA ARG B 12 -4.26 -13.82 9.63
C ARG B 12 -4.90 -14.07 11.00
N HIS B 13 -4.86 -15.33 11.42
CA HIS B 13 -5.51 -15.77 12.66
C HIS B 13 -4.49 -16.43 13.57
N PRO B 14 -4.81 -16.56 14.86
CA PRO B 14 -3.91 -17.32 15.74
C PRO B 14 -3.68 -18.72 15.16
N PRO B 15 -2.43 -19.16 15.03
CA PRO B 15 -2.19 -20.46 14.41
C PRO B 15 -2.55 -21.59 15.36
N GLU B 16 -3.38 -22.50 14.87
CA GLU B 16 -3.74 -23.73 15.57
C GLU B 16 -3.56 -24.86 14.59
N ASN B 17 -2.81 -25.88 14.98
CA ASN B 17 -2.55 -27.00 14.08
C ASN B 17 -3.84 -27.67 13.69
N GLY B 18 -3.97 -27.96 12.40
CA GLY B 18 -5.17 -28.58 11.85
C GLY B 18 -6.32 -27.65 11.55
N LYS B 19 -6.21 -26.36 11.89
CA LYS B 19 -7.28 -25.40 11.61
C LYS B 19 -6.89 -24.51 10.42
N PRO B 20 -7.77 -24.37 9.42
CA PRO B 20 -7.52 -23.47 8.28
C PRO B 20 -7.21 -22.03 8.68
N ASN B 21 -6.26 -21.43 7.96
CA ASN B 21 -5.76 -20.10 8.27
C ASN B 21 -5.31 -19.48 6.94
N ILE B 22 -4.82 -18.25 6.99
CA ILE B 22 -4.29 -17.56 5.83
C ILE B 22 -2.89 -17.04 6.21
N LEU B 23 -1.91 -17.31 5.35
CA LEU B 23 -0.53 -16.82 5.57
C LEU B 23 -0.30 -15.67 4.61
N ASN B 24 0.24 -14.59 5.14
CA ASN B 24 0.48 -13.35 4.41
C ASN B 24 1.97 -13.15 4.23
N CYS B 25 2.35 -12.66 3.04
CA CYS B 25 3.68 -12.18 2.77
C CYS B 25 3.58 -10.76 2.22
N TYR B 26 4.00 -9.79 3.03
CA TYR B 26 3.87 -8.37 2.67
C TYR B 26 5.24 -7.89 2.32
N VAL B 27 5.38 -7.39 1.08
CA VAL B 27 6.65 -7.00 0.50
C VAL B 27 6.61 -5.50 0.21
N THR B 28 7.58 -4.77 0.74
CA THR B 28 7.56 -3.30 0.72
C THR B 28 8.92 -2.72 0.35
N GLN B 29 8.93 -1.41 0.13
CA GLN B 29 10.16 -0.60 0.03
C GLN B 29 11.02 -0.87 -1.20
N PHE B 30 10.48 -1.53 -2.22
CA PHE B 30 11.27 -1.89 -3.40
C PHE B 30 11.04 -0.89 -4.54
N HIS B 31 12.01 -0.86 -5.44
CA HIS B 31 11.95 -0.09 -6.68
C HIS B 31 13.07 -0.62 -7.58
N PRO B 32 12.82 -0.95 -8.85
CA PRO B 32 11.58 -0.70 -9.59
C PRO B 32 10.46 -1.69 -9.25
N PRO B 33 9.24 -1.47 -9.79
CA PRO B 33 8.12 -2.29 -9.34
C PRO B 33 8.06 -3.75 -9.83
N HIS B 34 8.87 -4.13 -10.83
N HIS B 34 8.88 -4.13 -10.82
CA HIS B 34 8.88 -5.52 -11.29
CA HIS B 34 8.91 -5.51 -11.30
C HIS B 34 9.49 -6.42 -10.23
C HIS B 34 9.50 -6.43 -10.23
N ILE B 35 8.80 -7.50 -9.89
CA ILE B 35 9.19 -8.36 -8.78
C ILE B 35 8.55 -9.73 -8.94
N GLU B 36 9.17 -10.76 -8.36
CA GLU B 36 8.57 -12.09 -8.31
C GLU B 36 8.48 -12.51 -6.87
N ILE B 37 7.31 -12.97 -6.45
CA ILE B 37 7.05 -13.35 -5.08
C ILE B 37 6.53 -14.78 -5.10
N GLN B 38 7.18 -15.64 -4.31
CA GLN B 38 6.78 -17.03 -4.16
C GLN B 38 6.56 -17.32 -2.69
N MET B 39 5.52 -18.09 -2.39
CA MET B 39 5.35 -18.60 -1.03
C MET B 39 5.69 -20.07 -1.07
N LEU B 40 6.42 -20.54 -0.05
CA LEU B 40 6.95 -21.89 -0.02
C LEU B 40 6.42 -22.66 1.17
N LYS B 41 6.12 -23.94 0.95
CA LYS B 41 5.78 -24.89 2.00
C LYS B 41 6.82 -26.02 1.91
N ASN B 42 7.57 -26.23 2.99
CA ASN B 42 8.65 -27.23 3.00
C ASN B 42 9.61 -27.08 1.81
N GLY B 43 9.92 -25.82 1.48
CA GLY B 43 10.81 -25.51 0.36
C GLY B 43 10.23 -25.57 -1.05
N LYS B 44 8.97 -26.02 -1.20
CA LYS B 44 8.34 -26.12 -2.51
C LYS B 44 7.34 -24.99 -2.74
N LYS B 45 7.32 -24.45 -3.95
CA LYS B 45 6.42 -23.38 -4.35
C LYS B 45 4.94 -23.75 -4.12
N ILE B 46 4.19 -22.83 -3.51
CA ILE B 46 2.75 -23.02 -3.31
C ILE B 46 2.06 -22.48 -4.57
N PRO B 47 1.21 -23.31 -5.22
CA PRO B 47 0.62 -22.87 -6.50
C PRO B 47 -0.35 -21.68 -6.47
N LYS B 48 -1.37 -21.70 -5.62
CA LYS B 48 -2.54 -20.81 -5.86
C LYS B 48 -2.49 -19.45 -5.12
N VAL B 49 -1.29 -18.89 -4.98
CA VAL B 49 -1.07 -17.71 -4.15
C VAL B 49 -1.73 -16.47 -4.78
N GLU B 50 -2.53 -15.77 -3.97
CA GLU B 50 -3.25 -14.57 -4.40
C GLU B 50 -2.38 -13.33 -4.15
N MET B 51 -2.46 -12.37 -5.06
CA MET B 51 -1.64 -11.17 -5.04
C MET B 51 -2.58 -9.97 -4.98
N SER B 52 -2.29 -8.99 -4.13
CA SER B 52 -3.02 -7.72 -4.20
C SER B 52 -2.55 -6.94 -5.43
N ASP B 53 -3.26 -5.87 -5.73
CA ASP B 53 -2.80 -4.91 -6.74
C ASP B 53 -1.58 -4.20 -6.21
N MET B 54 -0.55 -4.01 -7.03
CA MET B 54 0.59 -3.24 -6.56
C MET B 54 0.17 -1.79 -6.33
N SER B 55 0.79 -1.20 -5.32
CA SER B 55 0.51 0.16 -4.94
C SER B 55 1.81 0.78 -4.45
N PHE B 56 1.74 2.03 -4.03
CA PHE B 56 2.92 2.67 -3.46
C PHE B 56 2.56 3.67 -2.38
N SER B 57 3.55 3.92 -1.53
CA SER B 57 3.40 4.74 -0.33
C SER B 57 3.59 6.23 -0.64
N LYS B 58 3.36 7.07 0.36
CA LYS B 58 3.68 8.51 0.24
C LYS B 58 5.13 8.77 -0.13
N ASP B 59 6.06 7.91 0.30
CA ASP B 59 7.48 8.04 -0.07
C ASP B 59 7.84 7.44 -1.45
N TRP B 60 6.82 7.07 -2.23
CA TRP B 60 6.96 6.49 -3.58
C TRP B 60 7.39 5.03 -3.66
N SER B 61 7.80 4.43 -2.55
CA SER B 61 8.18 3.02 -2.57
C SER B 61 6.94 2.11 -2.73
N PHE B 62 7.14 1.03 -3.46
CA PHE B 62 6.07 0.13 -3.79
C PHE B 62 5.79 -0.86 -2.67
N TYR B 63 4.58 -1.40 -2.66
CA TYR B 63 4.22 -2.48 -1.76
C TYR B 63 3.18 -3.35 -2.39
N ILE B 64 3.15 -4.59 -1.94
CA ILE B 64 2.20 -5.56 -2.42
C ILE B 64 2.06 -6.67 -1.39
N LEU B 65 0.87 -7.24 -1.32
CA LEU B 65 0.55 -8.31 -0.38
C LEU B 65 0.27 -9.60 -1.12
N ALA B 66 1.01 -10.65 -0.80
CA ALA B 66 0.68 -12.00 -1.24
C ALA B 66 0.04 -12.77 -0.10
N HIS B 67 -0.93 -13.63 -0.42
CA HIS B 67 -1.49 -14.50 0.61
C HIS B 67 -1.98 -15.82 0.06
N THR B 68 -2.09 -16.78 0.97
CA THR B 68 -2.47 -18.13 0.60
C THR B 68 -3.19 -18.81 1.77
N GLU B 69 -4.17 -19.63 1.43
CA GLU B 69 -4.83 -20.49 2.41
C GLU B 69 -3.88 -21.59 2.84
N PHE B 70 -3.78 -21.80 4.14
CA PHE B 70 -3.01 -22.91 4.68
C PHE B 70 -3.58 -23.44 5.96
N THR B 71 -3.26 -24.69 6.25
CA THR B 71 -3.64 -25.33 7.50
C THR B 71 -2.33 -25.73 8.13
N PRO B 72 -1.88 -25.02 9.19
CA PRO B 72 -0.59 -25.39 9.75
C PRO B 72 -0.62 -26.75 10.42
N THR B 73 0.53 -27.40 10.44
CA THR B 73 0.75 -28.63 11.20
C THR B 73 1.99 -28.39 12.04
N GLU B 74 2.32 -29.36 12.89
CA GLU B 74 3.51 -29.29 13.73
C GLU B 74 4.80 -29.10 12.93
N THR B 75 4.92 -29.81 11.81
CA THR B 75 6.20 -29.97 11.10
C THR B 75 6.30 -29.29 9.72
N ASP B 76 5.24 -28.64 9.25
CA ASP B 76 5.33 -27.90 7.98
C ASP B 76 6.01 -26.56 8.22
N THR B 77 7.00 -26.23 7.40
CA THR B 77 7.66 -24.92 7.45
C THR B 77 7.24 -24.10 6.25
N TYR B 78 6.99 -22.81 6.47
CA TYR B 78 6.53 -21.92 5.41
C TYR B 78 7.47 -20.76 5.28
N ALA B 79 7.59 -20.25 4.05
CA ALA B 79 8.47 -19.10 3.79
C ALA B 79 7.93 -18.26 2.64
N CYS B 80 8.51 -17.10 2.46
CA CYS B 80 8.24 -16.25 1.33
C CYS B 80 9.57 -15.86 0.71
N ARG B 81 9.68 -16.07 -0.60
CA ARG B 81 10.92 -15.87 -1.37
C ARG B 81 10.67 -14.84 -2.47
N VAL B 82 11.54 -13.85 -2.54
CA VAL B 82 11.38 -12.71 -3.44
C VAL B 82 12.59 -12.57 -4.36
N LYS B 83 12.32 -12.38 -5.65
CA LYS B 83 13.37 -12.07 -6.61
C LYS B 83 13.16 -10.66 -7.13
N HIS B 84 14.20 -9.86 -7.11
CA HIS B 84 14.13 -8.48 -7.56
C HIS B 84 15.49 -8.03 -8.08
N ALA B 85 15.50 -7.07 -9.00
CA ALA B 85 16.74 -6.62 -9.66
C ALA B 85 17.81 -6.04 -8.71
N SER B 86 17.35 -5.44 -7.61
CA SER B 86 18.20 -4.93 -6.53
C SER B 86 19.05 -5.96 -5.77
N MET B 87 18.74 -7.24 -5.93
CA MET B 87 19.42 -8.31 -5.22
C MET B 87 19.91 -9.39 -6.19
N ALA B 88 21.19 -9.73 -6.09
CA ALA B 88 21.78 -10.80 -6.90
C ALA B 88 21.17 -12.15 -6.57
N GLU B 89 20.85 -12.35 -5.29
CA GLU B 89 20.27 -13.60 -4.80
C GLU B 89 18.81 -13.36 -4.35
N PRO B 90 17.94 -14.38 -4.50
CA PRO B 90 16.62 -14.31 -3.89
C PRO B 90 16.69 -14.17 -2.38
N LYS B 91 15.75 -13.41 -1.81
CA LYS B 91 15.64 -13.18 -0.38
C LYS B 91 14.49 -14.00 0.16
N THR B 92 14.76 -14.78 1.21
CA THR B 92 13.76 -15.66 1.83
C THR B 92 13.53 -15.21 3.26
N VAL B 93 12.29 -15.07 3.67
CA VAL B 93 11.99 -15.00 5.11
C VAL B 93 11.01 -16.09 5.50
N TYR B 94 11.35 -16.77 6.60
CA TYR B 94 10.55 -17.85 7.14
C TYR B 94 9.49 -17.32 8.08
N TRP B 95 8.34 -17.97 8.07
CA TRP B 95 7.31 -17.74 9.05
C TRP B 95 7.86 -18.18 10.43
N ASP B 96 7.65 -17.34 11.43
CA ASP B 96 8.28 -17.50 12.76
C ASP B 96 7.69 -18.61 13.64
N ARG B 97 6.42 -18.94 13.43
CA ARG B 97 5.64 -19.95 14.18
C ARG B 97 6.19 -20.35 15.56
#